data_9I4R
#
_entry.id   9I4R
#
_cell.length_a   47.550
_cell.length_b   105.892
_cell.length_c   51.246
_cell.angle_alpha   90.000
_cell.angle_beta   106.448
_cell.angle_gamma   90.000
#
_symmetry.space_group_name_H-M   'P 1 21 1'
#
loop_
_entity.id
_entity.type
_entity.pdbx_description
1 polymer Streptavidin
2 polymer Oic-P-streptagII
3 non-polymer GLYCEROL
4 water water
#
loop_
_entity_poly.entity_id
_entity_poly.type
_entity_poly.pdbx_seq_one_letter_code
_entity_poly.pdbx_strand_id
1 'polypeptide(L)'
;ASMTGGQQMGRDQAGITGTWYNQLGSTFIVTAGADGALTGTYVTARGNAESRYVLTGRYDSAPATAGSGTALGWTVAWKN
NYRNAHSATTWSGQYVGGAEARINTQWLLTSGTTEANAWRSTLVGHDTFTKVQPSAASIDAAKKAGVNNGNPLDAVQQ
;
B,C,D,E
2 'polypeptide(L)' (OIC)PWSHPQFEK F,G,H,I
#
loop_
_chem_comp.id
_chem_comp.type
_chem_comp.name
_chem_comp.formula
GOL non-polymer GLYCEROL 'C3 H8 O3'
#
# COMPACT_ATOMS: atom_id res chain seq x y z
N GLN A 13 -13.45 -20.85 -8.20
CA GLN A 13 -13.61 -22.01 -7.31
C GLN A 13 -13.07 -23.27 -8.00
N ALA A 14 -13.86 -23.76 -8.95
CA ALA A 14 -13.32 -24.72 -9.92
C ALA A 14 -12.22 -24.08 -10.76
N GLY A 15 -12.36 -22.79 -11.05
CA GLY A 15 -11.32 -22.09 -11.76
C GLY A 15 -10.12 -21.77 -10.88
N ILE A 16 -10.35 -21.39 -9.63
CA ILE A 16 -9.23 -21.04 -8.77
C ILE A 16 -8.35 -22.26 -8.50
N THR A 17 -8.97 -23.38 -8.09
CA THR A 17 -8.19 -24.58 -7.79
C THR A 17 -7.22 -24.91 -8.92
N GLY A 18 -5.95 -25.12 -8.58
CA GLY A 18 -4.97 -25.56 -9.54
C GLY A 18 -3.58 -25.03 -9.23
N THR A 19 -2.75 -24.96 -10.28
CA THR A 19 -1.37 -24.52 -10.15
C THR A 19 -1.19 -23.23 -10.93
N TRP A 20 -0.63 -22.22 -10.26
CA TRP A 20 -0.46 -20.89 -10.82
C TRP A 20 0.99 -20.46 -10.77
N TYR A 21 1.40 -19.64 -11.74
CA TYR A 21 2.75 -19.12 -11.78
C TYR A 21 2.68 -17.62 -11.86
N ASN A 22 3.55 -16.93 -11.10
CA ASN A 22 3.63 -15.49 -11.21
C ASN A 22 4.73 -15.12 -12.20
N GLN A 23 4.97 -13.80 -12.31
CA GLN A 23 5.87 -13.26 -13.31
C GLN A 23 7.34 -13.59 -13.04
N LEU A 24 7.67 -14.00 -11.82
CA LEU A 24 9.04 -14.38 -11.47
C LEU A 24 9.27 -15.88 -11.55
N GLY A 25 8.24 -16.67 -11.83
CA GLY A 25 8.39 -18.11 -11.81
C GLY A 25 8.12 -18.76 -10.47
N SER A 26 7.67 -18.02 -9.48
CA SER A 26 7.18 -18.65 -8.26
C SER A 26 5.91 -19.41 -8.58
N THR A 27 5.64 -20.47 -7.80
CA THR A 27 4.51 -21.35 -8.03
C THR A 27 3.54 -21.30 -6.85
N PHE A 28 2.26 -21.21 -7.18
CA PHE A 28 1.15 -21.09 -6.22
C PHE A 28 0.25 -22.29 -6.50
N ILE A 29 0.25 -23.27 -5.59
CA ILE A 29 -0.54 -24.49 -5.75
C ILE A 29 -1.66 -24.46 -4.72
N VAL A 30 -2.92 -24.38 -5.17
CA VAL A 30 -4.01 -24.01 -4.28
C VAL A 30 -5.21 -24.92 -4.46
N THR A 31 -5.87 -25.23 -3.35
CA THR A 31 -7.18 -25.86 -3.33
C THR A 31 -8.18 -24.81 -2.84
N ALA A 32 -9.21 -24.52 -3.63
CA ALA A 32 -10.31 -23.66 -3.21
C ALA A 32 -11.46 -24.54 -2.72
N GLY A 33 -11.76 -24.43 -1.43
CA GLY A 33 -12.75 -25.29 -0.85
C GLY A 33 -14.12 -24.76 -1.10
N ALA A 34 -15.09 -25.66 -1.00
CA ALA A 34 -16.47 -25.31 -1.35
C ALA A 34 -16.97 -24.06 -0.63
N ASP A 35 -16.55 -23.85 0.63
CA ASP A 35 -17.13 -22.84 1.49
C ASP A 35 -16.28 -21.58 1.64
N GLY A 36 -15.24 -21.41 0.82
CA GLY A 36 -14.44 -20.20 0.86
C GLY A 36 -13.01 -20.37 1.34
N ALA A 37 -12.56 -21.59 1.61
CA ALA A 37 -11.20 -21.80 2.12
C ALA A 37 -10.23 -21.87 0.96
N LEU A 38 -9.05 -21.29 1.18
CA LEU A 38 -7.89 -21.49 0.32
C LEU A 38 -6.82 -22.18 1.14
N THR A 39 -6.24 -23.24 0.57
CA THR A 39 -5.19 -23.98 1.24
C THR A 39 -4.19 -24.39 0.17
N GLY A 40 -2.93 -24.50 0.54
CA GLY A 40 -1.97 -25.04 -0.45
C GLY A 40 -0.53 -24.74 -0.07
N THR A 41 0.29 -24.60 -1.11
CA THR A 41 1.74 -24.51 -0.99
C THR A 41 2.24 -23.45 -1.94
N TYR A 42 3.09 -22.57 -1.44
CA TYR A 42 3.76 -21.56 -2.24
C TYR A 42 5.21 -21.98 -2.40
N VAL A 43 5.67 -22.00 -3.64
CA VAL A 43 6.97 -22.57 -3.98
C VAL A 43 7.78 -21.48 -4.65
N THR A 44 8.87 -21.06 -4.02
CA THR A 44 9.75 -20.03 -4.56
C THR A 44 10.45 -20.58 -5.79
N ALA A 45 10.82 -19.69 -6.71
CA ALA A 45 11.33 -20.13 -8.01
C ALA A 45 12.48 -21.14 -7.87
N ARG A 46 13.27 -21.06 -6.80
CA ARG A 46 14.31 -22.07 -6.60
C ARG A 46 13.77 -23.48 -6.87
N GLY A 47 12.77 -23.93 -6.11
CA GLY A 47 12.00 -25.12 -6.46
C GLY A 47 12.13 -26.31 -5.53
N ASN A 48 13.13 -26.34 -4.64
CA ASN A 48 13.39 -27.52 -3.82
C ASN A 48 12.51 -27.51 -2.57
N ALA A 49 12.63 -28.57 -1.75
CA ALA A 49 11.84 -28.66 -0.53
C ALA A 49 12.06 -27.44 0.36
N GLU A 50 13.30 -26.95 0.41
CA GLU A 50 13.63 -25.75 1.17
C GLU A 50 12.84 -24.54 0.68
N SER A 51 12.19 -24.63 -0.46
CA SER A 51 11.49 -23.51 -1.07
C SER A 51 9.98 -23.62 -0.99
N ARG A 52 9.46 -24.57 -0.21
CA ARG A 52 8.03 -24.84 -0.14
C ARG A 52 7.50 -24.32 1.19
N TYR A 53 6.40 -23.55 1.14
CA TYR A 53 5.81 -22.95 2.33
C TYR A 53 4.30 -23.14 2.31
N VAL A 54 3.72 -23.28 3.51
CA VAL A 54 2.26 -23.41 3.66
C VAL A 54 1.57 -22.09 3.37
N LEU A 55 0.44 -22.16 2.67
CA LEU A 55 -0.42 -21.00 2.53
C LEU A 55 -1.83 -21.30 2.99
N THR A 56 -2.50 -20.26 3.52
CA THR A 56 -3.94 -20.33 3.77
C THR A 56 -4.58 -18.98 3.49
N GLY A 57 -5.83 -19.02 3.07
CA GLY A 57 -6.56 -17.80 2.81
C GLY A 57 -8.04 -18.07 2.68
N ARG A 58 -8.74 -17.11 2.07
CA ARG A 58 -10.18 -17.13 1.90
C ARG A 58 -10.52 -16.51 0.56
N TYR A 59 -11.65 -16.93 -0.02
CA TYR A 59 -12.17 -16.33 -1.24
C TYR A 59 -13.68 -16.26 -1.16
N ASP A 60 -14.26 -15.39 -2.01
CA ASP A 60 -15.71 -15.21 -2.09
C ASP A 60 -16.29 -16.41 -2.84
N SER A 61 -16.99 -17.30 -2.12
CA SER A 61 -17.47 -18.54 -2.71
C SER A 61 -18.87 -18.40 -3.34
N ALA A 62 -19.34 -17.17 -3.57
CA ALA A 62 -20.58 -16.94 -4.31
C ALA A 62 -20.40 -17.25 -5.81
N PRO A 63 -21.44 -17.73 -6.48
CA PRO A 63 -21.34 -17.95 -7.92
C PRO A 63 -20.92 -16.68 -8.63
N ALA A 64 -19.97 -16.83 -9.56
CA ALA A 64 -19.40 -15.68 -10.25
C ALA A 64 -20.47 -14.97 -11.07
N THR A 65 -20.41 -13.65 -11.08
CA THR A 65 -21.36 -12.82 -11.80
C THR A 65 -20.76 -12.44 -13.15
N ALA A 66 -21.51 -11.66 -13.92
CA ALA A 66 -21.16 -11.35 -15.31
C ALA A 66 -19.91 -10.49 -15.35
N GLY A 67 -18.79 -11.11 -15.72
CA GLY A 67 -17.58 -10.37 -16.04
C GLY A 67 -16.89 -9.72 -14.88
N SER A 68 -17.25 -10.06 -13.64
CA SER A 68 -16.59 -9.51 -12.48
C SER A 68 -15.73 -10.57 -11.82
N GLY A 69 -14.64 -10.10 -11.22
CA GLY A 69 -13.72 -10.99 -10.55
C GLY A 69 -14.23 -11.45 -9.21
N THR A 70 -13.53 -12.45 -8.69
CA THR A 70 -13.82 -13.08 -7.40
C THR A 70 -12.75 -12.63 -6.41
N ALA A 71 -13.15 -11.90 -5.37
CA ALA A 71 -12.21 -11.42 -4.36
C ALA A 71 -11.58 -12.58 -3.58
N LEU A 72 -10.28 -12.45 -3.26
CA LEU A 72 -9.57 -13.45 -2.48
C LEU A 72 -8.37 -12.82 -1.78
N GLY A 73 -7.80 -13.58 -0.86
CA GLY A 73 -6.53 -13.22 -0.26
C GLY A 73 -5.92 -14.43 0.38
N TRP A 74 -4.60 -14.40 0.52
CA TRP A 74 -3.95 -15.44 1.27
C TRP A 74 -2.69 -14.92 1.93
N THR A 75 -2.19 -15.76 2.86
CA THR A 75 -0.99 -15.48 3.64
C THR A 75 0.00 -16.64 3.52
N VAL A 76 1.27 -16.28 3.42
CA VAL A 76 2.39 -17.17 3.62
C VAL A 76 3.24 -16.57 4.73
N ALA A 77 3.50 -17.35 5.77
CA ALA A 77 4.58 -17.05 6.70
C ALA A 77 5.82 -17.80 6.24
N TRP A 78 6.94 -17.09 6.14
CA TRP A 78 8.13 -17.59 5.44
C TRP A 78 9.02 -18.40 6.38
N LYS A 79 8.40 -19.39 7.00
CA LYS A 79 9.07 -20.37 7.86
C LYS A 79 8.64 -21.75 7.38
N ASN A 80 9.60 -22.62 7.17
CA ASN A 80 9.31 -24.03 6.93
C ASN A 80 10.35 -24.83 7.72
N ASN A 81 10.44 -26.13 7.46
CA ASN A 81 11.36 -26.95 8.23
C ASN A 81 12.84 -26.60 8.01
N TYR A 82 13.18 -25.88 6.94
CA TYR A 82 14.58 -25.60 6.62
C TYR A 82 15.00 -24.18 6.92
N ARG A 83 14.11 -23.20 6.69
CA ARG A 83 14.44 -21.80 6.70
C ARG A 83 13.41 -21.01 7.50
N ASN A 84 13.86 -19.91 8.10
CA ASN A 84 12.94 -18.94 8.68
C ASN A 84 13.42 -17.56 8.29
N ALA A 85 12.58 -16.84 7.57
CA ALA A 85 12.87 -15.47 7.17
C ALA A 85 12.17 -14.44 8.03
N HIS A 86 11.46 -14.88 9.09
CA HIS A 86 10.91 -13.97 10.11
C HIS A 86 10.06 -12.88 9.46
N SER A 87 9.13 -13.34 8.63
CA SER A 87 8.29 -12.45 7.84
C SER A 87 7.08 -13.23 7.32
N ALA A 88 6.07 -12.47 6.90
CA ALA A 88 4.86 -13.03 6.32
C ALA A 88 4.36 -12.05 5.24
N THR A 89 3.84 -12.61 4.16
CA THR A 89 3.28 -11.85 3.04
C THR A 89 1.79 -12.18 2.93
N THR A 90 0.98 -11.13 2.74
CA THR A 90 -0.41 -11.32 2.39
C THR A 90 -0.62 -10.80 0.98
N TRP A 91 -1.32 -11.59 0.17
CA TRP A 91 -1.74 -11.18 -1.17
C TRP A 91 -3.24 -10.91 -1.14
N SER A 92 -3.67 -9.78 -1.72
CA SER A 92 -5.08 -9.41 -1.77
C SER A 92 -5.41 -9.10 -3.22
N GLY A 93 -6.50 -9.67 -3.74
CA GLY A 93 -6.78 -9.48 -5.16
C GLY A 93 -8.00 -10.21 -5.66
N GLN A 94 -8.03 -10.53 -6.95
CA GLN A 94 -9.22 -11.15 -7.47
C GLN A 94 -8.86 -12.08 -8.60
N TYR A 95 -9.65 -13.15 -8.68
CA TYR A 95 -9.54 -14.14 -9.74
C TYR A 95 -10.44 -13.72 -10.88
N VAL A 96 -9.91 -13.80 -12.11
CA VAL A 96 -10.70 -13.66 -13.33
C VAL A 96 -10.56 -14.92 -14.17
N GLY A 97 -11.68 -15.41 -14.69
CA GLY A 97 -11.67 -16.53 -15.60
C GLY A 97 -11.65 -16.11 -17.06
N GLY A 98 -11.89 -17.09 -17.94
CA GLY A 98 -11.86 -16.89 -19.37
C GLY A 98 -10.76 -17.67 -20.03
N ALA A 99 -10.58 -17.43 -21.33
CA ALA A 99 -9.51 -18.08 -22.08
C ALA A 99 -8.18 -18.01 -21.33
N GLU A 100 -7.85 -16.83 -20.82
CA GLU A 100 -6.64 -16.66 -20.02
C GLU A 100 -7.09 -16.22 -18.62
N ALA A 101 -7.32 -17.19 -17.76
CA ALA A 101 -7.56 -16.91 -16.37
C ALA A 101 -6.33 -16.28 -15.72
N ARG A 102 -6.56 -15.39 -14.76
CA ARG A 102 -5.51 -14.68 -14.08
C ARG A 102 -5.95 -14.38 -12.66
N ILE A 103 -4.98 -14.28 -11.75
CA ILE A 103 -5.19 -13.74 -10.42
C ILE A 103 -4.32 -12.49 -10.31
N ASN A 104 -4.95 -11.35 -10.15
CA ASN A 104 -4.25 -10.08 -10.00
C ASN A 104 -4.25 -9.68 -8.53
N THR A 105 -3.07 -9.36 -8.02
CA THR A 105 -2.92 -9.12 -6.60
C THR A 105 -2.05 -7.91 -6.32
N GLN A 106 -2.24 -7.36 -5.13
CA GLN A 106 -1.27 -6.54 -4.43
C GLN A 106 -0.89 -7.25 -3.14
N TRP A 107 0.37 -7.11 -2.75
CA TRP A 107 0.86 -7.78 -1.56
C TRP A 107 1.54 -6.83 -0.59
N LEU A 108 1.55 -7.26 0.67
CA LEU A 108 2.29 -6.66 1.77
C LEU A 108 3.20 -7.70 2.39
N LEU A 109 4.49 -7.39 2.51
CA LEU A 109 5.49 -8.26 3.14
C LEU A 109 5.94 -7.58 4.43
N THR A 110 5.49 -8.11 5.58
CA THR A 110 5.87 -7.56 6.89
C THR A 110 6.95 -8.44 7.50
N SER A 111 8.06 -7.81 7.89
CA SER A 111 9.14 -8.49 8.61
C SER A 111 9.03 -8.21 10.10
N GLY A 112 9.41 -9.18 10.93
CA GLY A 112 9.51 -8.93 12.36
C GLY A 112 10.67 -7.99 12.62
N THR A 113 10.43 -6.97 13.43
CA THR A 113 11.44 -5.97 13.72
C THR A 113 11.39 -5.57 15.19
N THR A 114 12.43 -4.86 15.61
CA THR A 114 12.34 -4.07 16.82
C THR A 114 11.34 -2.93 16.62
N GLU A 115 10.83 -2.41 17.73
CA GLU A 115 9.86 -1.33 17.60
C GLU A 115 10.48 -0.10 16.95
N ALA A 116 11.79 0.09 17.12
CA ALA A 116 12.46 1.25 16.53
C ALA A 116 12.54 1.16 15.00
N ASN A 117 12.49 -0.05 14.45
CA ASN A 117 12.52 -0.27 13.01
C ASN A 117 11.16 -0.62 12.43
N ALA A 118 10.09 -0.53 13.23
CA ALA A 118 8.77 -0.94 12.76
C ALA A 118 8.31 -0.09 11.58
N TRP A 119 8.55 1.22 11.62
CA TRP A 119 8.20 2.07 10.48
C TRP A 119 8.73 1.51 9.17
N ARG A 120 9.79 0.68 9.23
CA ARG A 120 10.49 0.09 8.08
C ARG A 120 10.16 -1.40 7.90
N SER A 121 9.03 -1.86 8.43
CA SER A 121 8.74 -3.29 8.48
C SER A 121 7.97 -3.84 7.28
N THR A 122 7.29 -3.00 6.48
CA THR A 122 6.34 -3.52 5.50
C THR A 122 6.62 -3.01 4.09
N LEU A 123 6.96 -3.94 3.21
CA LEU A 123 7.10 -3.66 1.78
C LEU A 123 5.78 -3.89 1.07
N VAL A 124 5.58 -3.19 -0.04
CA VAL A 124 4.37 -3.35 -0.85
C VAL A 124 4.75 -3.60 -2.30
N GLY A 125 3.94 -4.40 -2.97
CA GLY A 125 4.10 -4.65 -4.39
C GLY A 125 2.88 -5.31 -5.00
N HIS A 126 3.08 -5.91 -6.17
CA HIS A 126 2.00 -6.51 -6.94
C HIS A 126 2.53 -7.71 -7.71
N ASP A 127 1.65 -8.72 -7.91
CA ASP A 127 1.93 -9.92 -8.68
C ASP A 127 0.73 -10.26 -9.53
N THR A 128 0.99 -10.79 -10.72
CA THR A 128 -0.06 -11.36 -11.56
C THR A 128 0.24 -12.84 -11.75
N PHE A 129 -0.75 -13.69 -11.52
CA PHE A 129 -0.58 -15.12 -11.66
C PHE A 129 -1.36 -15.61 -12.87
N THR A 130 -0.78 -16.56 -13.62
CA THR A 130 -1.52 -17.25 -14.66
C THR A 130 -1.40 -18.75 -14.46
N LYS A 131 -2.39 -19.47 -14.96
CA LYS A 131 -2.33 -20.92 -14.96
C LYS A 131 -1.46 -21.44 -16.09
N VAL A 132 -0.85 -20.55 -16.85
CA VAL A 132 0.04 -20.88 -17.97
C VAL A 132 1.48 -20.59 -17.54
N GLN A 133 2.34 -21.61 -17.62
CA GLN A 133 3.77 -21.43 -17.40
C GLN A 133 4.50 -22.75 -17.29
N GLN B 13 17.17 15.29 -14.66
CA GLN B 13 17.51 14.42 -15.80
C GLN B 13 16.84 14.94 -17.07
N ALA B 14 17.64 15.12 -18.13
CA ALA B 14 17.05 15.22 -19.47
C ALA B 14 16.56 13.86 -19.94
N GLY B 15 16.94 12.80 -19.21
CA GLY B 15 16.30 11.52 -19.38
C GLY B 15 14.88 11.53 -18.83
N ILE B 16 14.68 12.03 -17.61
CA ILE B 16 13.32 12.06 -17.04
C ILE B 16 12.45 13.07 -17.78
N THR B 17 12.99 14.26 -18.04
CA THR B 17 12.25 15.26 -18.78
C THR B 17 11.70 14.68 -20.08
N GLY B 18 10.41 14.87 -20.32
CA GLY B 18 9.82 14.45 -21.57
C GLY B 18 8.34 14.13 -21.43
N THR B 19 7.84 13.36 -22.39
CA THR B 19 6.44 12.95 -22.42
C THR B 19 6.39 11.45 -22.18
N TRP B 20 5.62 11.03 -21.18
CA TRP B 20 5.49 9.63 -20.80
C TRP B 20 4.06 9.17 -20.95
N TYR B 21 3.89 7.86 -21.11
CA TYR B 21 2.59 7.24 -21.33
C TYR B 21 2.45 6.01 -20.43
N ASN B 22 1.31 5.84 -19.78
CA ASN B 22 1.15 4.62 -19.00
C ASN B 22 0.37 3.60 -19.80
N GLN B 23 0.13 2.45 -19.17
CA GLN B 23 -0.56 1.36 -19.83
C GLN B 23 -1.92 1.80 -20.39
N LEU B 24 -2.64 2.66 -19.66
CA LEU B 24 -4.03 2.98 -20.00
C LEU B 24 -4.22 4.04 -21.09
N GLY B 25 -3.18 4.75 -21.51
CA GLY B 25 -3.33 5.84 -22.45
C GLY B 25 -3.19 7.22 -21.84
N SER B 26 -2.99 7.31 -20.52
CA SER B 26 -2.74 8.60 -19.88
C SER B 26 -1.35 9.09 -20.25
N THR B 27 -1.19 10.42 -20.22
CA THR B 27 0.06 11.05 -20.60
C THR B 27 0.57 11.90 -19.45
N PHE B 28 1.87 11.85 -19.24
CA PHE B 28 2.61 12.47 -18.13
C PHE B 28 3.69 13.31 -18.80
N ILE B 29 3.56 14.63 -18.75
CA ILE B 29 4.49 15.58 -19.40
C ILE B 29 5.25 16.30 -18.30
N VAL B 30 6.56 16.05 -18.20
CA VAL B 30 7.31 16.46 -17.03
C VAL B 30 8.60 17.14 -17.43
N THR B 31 8.92 18.22 -16.71
CA THR B 31 10.24 18.82 -16.69
C THR B 31 10.93 18.44 -15.39
N ALA B 32 12.11 17.88 -15.50
CA ALA B 32 12.91 17.57 -14.33
C ALA B 32 13.93 18.68 -14.15
N GLY B 33 13.77 19.48 -13.10
CA GLY B 33 14.70 20.55 -12.84
C GLY B 33 16.05 20.01 -12.40
N ALA B 34 17.10 20.80 -12.59
CA ALA B 34 18.43 20.26 -12.32
C ALA B 34 18.65 19.92 -10.85
N ASP B 35 17.86 20.55 -9.97
CA ASP B 35 17.91 20.52 -8.51
C ASP B 35 17.14 19.36 -7.85
N GLY B 36 16.26 18.73 -8.61
CA GLY B 36 15.41 17.69 -8.10
C GLY B 36 13.92 18.00 -8.23
N ALA B 37 13.54 19.12 -8.84
CA ALA B 37 12.11 19.42 -9.05
C ALA B 37 11.50 18.65 -10.22
N LEU B 38 10.26 18.19 -10.03
CA LEU B 38 9.41 17.69 -11.10
C LEU B 38 8.21 18.63 -11.23
N THR B 39 7.94 19.08 -12.45
CA THR B 39 6.80 19.95 -12.71
C THR B 39 6.21 19.56 -14.04
N GLY B 40 4.90 19.69 -14.18
CA GLY B 40 4.31 19.44 -15.48
C GLY B 40 2.80 19.24 -15.40
N THR B 41 2.31 18.43 -16.35
CA THR B 41 0.91 18.25 -16.62
C THR B 41 0.59 16.76 -16.75
N TYR B 42 -0.49 16.35 -16.12
CA TYR B 42 -1.00 14.99 -16.26
C TYR B 42 -2.28 15.07 -17.09
N VAL B 43 -2.36 14.29 -18.16
CA VAL B 43 -3.48 14.34 -19.11
C VAL B 43 -4.15 12.97 -19.11
N THR B 44 -5.44 12.94 -18.75
CA THR B 44 -6.19 11.69 -18.76
C THR B 44 -6.47 11.28 -20.20
N ALA B 45 -6.71 9.97 -20.41
CA ALA B 45 -6.83 9.44 -21.76
C ALA B 45 -7.82 10.24 -22.60
N ARG B 46 -8.81 10.87 -21.97
CA ARG B 46 -9.81 11.59 -22.77
C ARG B 46 -9.19 12.68 -23.65
N GLY B 47 -8.09 13.30 -23.23
CA GLY B 47 -7.34 14.17 -24.13
C GLY B 47 -7.56 15.67 -24.07
N ASN B 48 -8.79 16.12 -23.85
CA ASN B 48 -9.14 17.52 -24.06
C ASN B 48 -8.66 18.39 -22.89
N ALA B 49 -9.07 19.65 -22.86
CA ALA B 49 -8.53 20.58 -21.88
C ALA B 49 -9.07 20.32 -20.48
N GLU B 50 -10.29 19.80 -20.38
CA GLU B 50 -10.85 19.42 -19.08
C GLU B 50 -10.16 18.17 -18.53
N SER B 51 -9.22 17.59 -19.26
CA SER B 51 -8.49 16.40 -18.84
C SER B 51 -7.06 16.69 -18.40
N ARG B 52 -6.66 17.95 -18.30
CA ARG B 52 -5.30 18.34 -17.96
C ARG B 52 -5.23 18.82 -16.51
N TYR B 53 -4.25 18.30 -15.75
CA TYR B 53 -4.08 18.66 -14.35
C TYR B 53 -2.62 18.97 -14.06
N VAL B 54 -2.40 19.86 -13.10
CA VAL B 54 -1.05 20.25 -12.68
C VAL B 54 -0.45 19.14 -11.83
N LEU B 55 0.86 18.91 -11.99
CA LEU B 55 1.60 17.99 -11.16
C LEU B 55 2.87 18.64 -10.63
N THR B 56 3.23 18.27 -9.40
CA THR B 56 4.56 18.59 -8.93
C THR B 56 5.11 17.43 -8.10
N GLY B 57 6.44 17.35 -8.10
CA GLY B 57 7.10 16.28 -7.37
C GLY B 57 8.58 16.56 -7.18
N ARG B 58 9.30 15.49 -6.77
CA ARG B 58 10.74 15.57 -6.55
C ARG B 58 11.39 14.26 -7.02
N TYR B 59 12.65 14.34 -7.40
CA TYR B 59 13.45 13.15 -7.72
C TYR B 59 14.86 13.34 -7.20
N ASP B 60 15.55 12.20 -7.04
CA ASP B 60 16.97 12.19 -6.67
C ASP B 60 17.81 12.71 -7.83
N SER B 61 18.33 13.92 -7.70
CA SER B 61 19.12 14.53 -8.77
C SER B 61 20.59 14.08 -8.78
N ALA B 62 20.99 13.12 -7.96
CA ALA B 62 22.33 12.54 -8.06
C ALA B 62 22.51 11.86 -9.40
N PRO B 63 23.76 11.79 -9.91
CA PRO B 63 24.02 10.96 -11.10
C PRO B 63 23.74 9.49 -10.82
N ALA B 64 23.22 8.80 -11.84
CA ALA B 64 22.81 7.41 -11.68
C ALA B 64 24.01 6.49 -11.49
N THR B 65 23.81 5.42 -10.72
CA THR B 65 24.88 4.50 -10.37
C THR B 65 24.92 3.36 -11.39
N ALA B 66 25.41 2.19 -11.00
CA ALA B 66 25.58 1.07 -11.93
C ALA B 66 24.27 0.30 -12.02
N GLY B 67 23.47 0.62 -13.02
CA GLY B 67 22.21 -0.08 -13.23
C GLY B 67 21.22 0.01 -12.09
N SER B 68 21.24 1.07 -11.29
CA SER B 68 20.23 1.27 -10.26
C SER B 68 19.31 2.44 -10.63
N GLY B 69 18.05 2.33 -10.20
CA GLY B 69 17.04 3.33 -10.54
C GLY B 69 17.19 4.62 -9.77
N THR B 70 16.51 5.64 -10.27
CA THR B 70 16.46 6.97 -9.68
C THR B 70 15.11 7.18 -9.01
N ALA B 71 15.12 7.41 -7.70
CA ALA B 71 13.88 7.54 -6.93
C ALA B 71 13.17 8.86 -7.24
N LEU B 72 11.84 8.82 -7.27
CA LEU B 72 11.04 9.99 -7.55
C LEU B 72 9.63 9.78 -7.01
N GLY B 73 8.90 10.89 -6.94
CA GLY B 73 7.47 10.84 -6.67
C GLY B 73 6.82 12.13 -7.13
N TRP B 74 5.49 12.06 -7.29
CA TRP B 74 4.83 13.30 -7.65
C TRP B 74 3.38 13.20 -7.22
N THR B 75 2.74 14.37 -7.16
CA THR B 75 1.34 14.46 -6.79
C THR B 75 0.54 15.16 -7.89
N VAL B 76 -0.69 14.71 -8.06
CA VAL B 76 -1.75 15.41 -8.78
C VAL B 76 -2.96 15.56 -7.84
N ALA B 77 -3.43 16.79 -7.65
CA ALA B 77 -4.78 17.04 -7.11
C ALA B 77 -5.74 17.17 -8.29
N TRP B 78 -6.84 16.42 -8.26
CA TRP B 78 -7.71 16.26 -9.43
C TRP B 78 -8.73 17.39 -9.49
N LYS B 79 -8.23 18.62 -9.43
CA LYS B 79 -9.02 19.83 -9.68
C LYS B 79 -8.33 20.63 -10.77
N ASN B 80 -9.09 21.09 -11.76
CA ASN B 80 -8.62 22.06 -12.74
C ASN B 80 -9.74 23.10 -12.89
N ASN B 81 -9.67 23.93 -13.93
CA ASN B 81 -10.69 24.98 -14.09
C ASN B 81 -12.05 24.44 -14.48
N TYR B 82 -12.14 23.18 -14.92
CA TYR B 82 -13.37 22.57 -15.40
C TYR B 82 -14.00 21.62 -14.40
N ARG B 83 -13.18 20.90 -13.63
CA ARG B 83 -13.65 19.77 -12.85
C ARG B 83 -12.95 19.73 -11.50
N ASN B 84 -13.62 19.14 -10.52
CA ASN B 84 -13.02 18.88 -9.23
C ASN B 84 -13.50 17.52 -8.76
N ALA B 85 -12.58 16.56 -8.69
CA ALA B 85 -12.92 15.23 -8.20
C ALA B 85 -12.63 15.06 -6.72
N HIS B 86 -12.22 16.14 -6.04
CA HIS B 86 -12.02 16.16 -4.58
C HIS B 86 -11.14 15.00 -4.14
N SER B 87 -9.95 14.96 -4.74
CA SER B 87 -9.11 13.81 -4.49
C SER B 87 -7.73 14.16 -5.02
N ALA B 88 -6.73 13.39 -4.55
CA ALA B 88 -5.35 13.60 -4.96
C ALA B 88 -4.66 12.25 -5.04
N THR B 89 -3.81 12.07 -6.04
CA THR B 89 -3.04 10.86 -6.21
C THR B 89 -1.56 11.18 -6.05
N THR B 90 -0.83 10.28 -5.37
CA THR B 90 0.63 10.34 -5.32
C THR B 90 1.16 9.09 -5.95
N TRP B 91 2.20 9.25 -6.75
CA TRP B 91 2.93 8.15 -7.36
C TRP B 91 4.33 8.15 -6.77
N SER B 92 4.76 6.97 -6.35
CA SER B 92 6.11 6.79 -5.82
C SER B 92 6.78 5.70 -6.65
N GLY B 93 7.98 5.95 -7.11
CA GLY B 93 8.64 4.87 -7.83
C GLY B 93 10.05 5.21 -8.29
N GLN B 94 10.47 4.66 -9.41
CA GLN B 94 11.82 4.97 -9.84
C GLN B 94 11.92 4.97 -11.35
N TYR B 95 12.87 5.76 -11.80
CA TYR B 95 13.15 5.97 -13.21
C TYR B 95 14.34 5.09 -13.54
N VAL B 96 14.22 4.35 -14.63
CA VAL B 96 15.29 3.52 -15.17
C VAL B 96 15.63 4.08 -16.53
N GLY B 97 16.89 4.49 -16.72
CA GLY B 97 17.28 5.15 -17.94
C GLY B 97 17.62 4.18 -19.06
N GLY B 98 18.36 4.67 -20.04
CA GLY B 98 18.79 3.83 -21.13
C GLY B 98 17.85 3.88 -22.32
N ALA B 99 17.96 2.85 -23.18
CA ALA B 99 17.22 2.90 -24.43
C ALA B 99 15.73 2.68 -24.22
N GLU B 100 15.37 1.75 -23.32
CA GLU B 100 13.97 1.43 -23.03
C GLU B 100 13.62 2.05 -21.66
N ALA B 101 13.71 3.36 -21.61
CA ALA B 101 13.46 4.12 -20.40
C ALA B 101 12.07 3.84 -19.83
N ARG B 102 12.00 3.82 -18.50
CA ARG B 102 10.78 3.37 -17.82
C ARG B 102 10.66 4.05 -16.48
N ILE B 103 9.42 4.37 -16.09
CA ILE B 103 9.12 4.82 -14.74
C ILE B 103 8.13 3.83 -14.15
N ASN B 104 8.55 3.11 -13.12
CA ASN B 104 7.71 2.11 -12.47
C ASN B 104 7.26 2.69 -11.15
N THR B 105 5.95 2.68 -10.93
CA THR B 105 5.37 3.34 -9.78
C THR B 105 4.34 2.47 -9.06
N GLN B 106 4.15 2.79 -7.79
CA GLN B 106 2.97 2.46 -7.02
C GLN B 106 2.28 3.76 -6.67
N TRP B 107 0.96 3.76 -6.61
CA TRP B 107 0.24 5.00 -6.37
C TRP B 107 -0.77 4.86 -5.24
N LEU B 108 -1.15 6.01 -4.66
CA LEU B 108 -2.19 6.09 -3.65
C LEU B 108 -3.13 7.21 -4.06
N LEU B 109 -4.41 6.90 -4.22
CA LEU B 109 -5.44 7.87 -4.57
C LEU B 109 -6.29 8.07 -3.33
N THR B 110 -6.22 9.27 -2.75
CA THR B 110 -7.02 9.62 -1.60
C THR B 110 -8.14 10.59 -1.99
N SER B 111 -9.36 10.29 -1.51
CA SER B 111 -10.53 11.12 -1.71
C SER B 111 -10.90 11.81 -0.41
N GLY B 112 -11.33 13.06 -0.49
CA GLY B 112 -11.81 13.75 0.70
C GLY B 112 -13.09 13.07 1.17
N THR B 113 -13.13 12.71 2.45
CA THR B 113 -14.29 12.02 3.02
C THR B 113 -14.69 12.67 4.33
N THR B 114 -15.87 12.28 4.84
CA THR B 114 -16.15 12.53 6.23
C THR B 114 -15.28 11.64 7.09
N GLU B 115 -15.22 11.94 8.39
CA GLU B 115 -14.36 11.12 9.24
C GLU B 115 -14.91 9.71 9.37
N ALA B 116 -16.23 9.54 9.26
CA ALA B 116 -16.80 8.19 9.35
C ALA B 116 -16.37 7.32 8.17
N ASN B 117 -16.09 7.93 7.01
CA ASN B 117 -15.75 7.19 5.79
C ASN B 117 -14.26 7.26 5.47
N ALA B 118 -13.44 7.80 6.37
CA ALA B 118 -12.01 7.89 6.10
C ALA B 118 -11.38 6.52 5.86
N TRP B 119 -11.90 5.49 6.51
CA TRP B 119 -11.25 4.18 6.39
C TRP B 119 -11.27 3.66 4.96
N ARG B 120 -12.18 4.16 4.11
CA ARG B 120 -12.25 3.79 2.70
C ARG B 120 -11.89 4.98 1.80
N SER B 121 -11.00 5.83 2.28
CA SER B 121 -10.59 7.03 1.57
C SER B 121 -9.48 6.80 0.56
N THR B 122 -8.70 5.72 0.67
CA THR B 122 -7.46 5.60 -0.09
C THR B 122 -7.38 4.29 -0.86
N LEU B 123 -7.32 4.41 -2.19
CA LEU B 123 -7.10 3.30 -3.10
C LEU B 123 -5.62 3.16 -3.37
N VAL B 124 -5.19 1.94 -3.64
CA VAL B 124 -3.80 1.68 -4.00
C VAL B 124 -3.73 0.96 -5.34
N GLY B 125 -2.69 1.24 -6.09
CA GLY B 125 -2.49 0.55 -7.35
C GLY B 125 -1.08 0.79 -7.85
N HIS B 126 -0.86 0.44 -9.12
CA HIS B 126 0.47 0.60 -9.73
C HIS B 126 0.36 1.03 -11.20
N ASP B 127 1.36 1.75 -11.68
CA ASP B 127 1.44 2.18 -13.07
C ASP B 127 2.87 2.06 -13.57
N THR B 128 3.02 1.78 -14.86
CA THR B 128 4.31 1.79 -15.54
C THR B 128 4.25 2.75 -16.71
N PHE B 129 5.23 3.63 -16.78
CA PHE B 129 5.30 4.65 -17.81
C PHE B 129 6.50 4.37 -18.70
N THR B 130 6.30 4.56 -20.01
CA THR B 130 7.42 4.60 -20.96
C THR B 130 7.24 5.79 -21.89
N LYS B 131 8.28 6.09 -22.67
CA LYS B 131 8.21 7.15 -23.66
C LYS B 131 7.60 6.70 -24.99
N VAL B 132 7.11 5.46 -25.09
CA VAL B 132 6.50 4.95 -26.32
C VAL B 132 4.99 4.95 -26.18
N GLN B 133 4.30 5.54 -27.14
CA GLN B 133 2.85 5.42 -27.18
C GLN B 133 2.52 4.02 -27.69
N GLN C 13 -6.66 27.16 2.63
CA GLN C 13 -5.31 27.66 2.41
C GLN C 13 -4.63 28.06 3.73
N ALA C 14 -5.29 28.93 4.50
CA ALA C 14 -4.74 29.34 5.79
C ALA C 14 -4.76 28.19 6.79
N GLY C 15 -5.68 27.23 6.59
CA GLY C 15 -5.74 26.03 7.39
C GLY C 15 -4.49 25.18 7.25
N ILE C 16 -4.14 24.79 6.03
CA ILE C 16 -3.02 23.88 5.85
C ILE C 16 -1.70 24.59 6.10
N THR C 17 -1.59 25.83 5.63
CA THR C 17 -0.39 26.61 5.86
C THR C 17 -0.01 26.63 7.34
N GLY C 18 1.24 26.31 7.63
CA GLY C 18 1.73 26.35 8.99
C GLY C 18 2.79 25.29 9.21
N THR C 19 3.01 24.98 10.48
CA THR C 19 4.00 24.01 10.91
C THR C 19 3.31 22.79 11.51
N TRP C 20 3.66 21.62 11.01
CA TRP C 20 3.04 20.37 11.42
C TRP C 20 4.08 19.42 12.02
N TYR C 21 3.61 18.57 12.93
CA TYR C 21 4.44 17.61 13.63
C TYR C 21 3.84 16.23 13.51
N ASN C 22 4.66 15.23 13.26
CA ASN C 22 4.11 13.88 13.26
C ASN C 22 4.33 13.23 14.62
N GLN C 23 3.98 11.95 14.71
CA GLN C 23 4.05 11.21 15.96
C GLN C 23 5.47 10.84 16.38
N LEU C 24 6.45 10.94 15.48
CA LEU C 24 7.79 10.43 15.74
C LEU C 24 8.86 11.51 15.73
N GLY C 25 8.48 12.78 15.79
CA GLY C 25 9.45 13.84 15.97
C GLY C 25 9.87 14.57 14.71
N SER C 26 9.22 14.31 13.58
CA SER C 26 9.51 15.03 12.35
C SER C 26 8.58 16.23 12.24
N THR C 27 9.05 17.25 11.53
CA THR C 27 8.35 18.51 11.36
C THR C 27 8.21 18.79 9.87
N PHE C 28 7.11 19.39 9.46
CA PHE C 28 7.12 19.95 8.12
C PHE C 28 6.37 21.26 8.05
N ILE C 29 6.98 22.13 7.29
CA ILE C 29 6.61 23.53 7.22
C ILE C 29 6.10 23.71 5.82
N VAL C 30 4.85 24.13 5.69
CA VAL C 30 4.20 24.18 4.40
C VAL C 30 3.45 25.49 4.20
N THR C 31 3.50 26.01 2.97
CA THR C 31 2.61 27.03 2.48
C THR C 31 1.64 26.41 1.49
N ALA C 32 0.34 26.61 1.75
CA ALA C 32 -0.72 26.18 0.83
C ALA C 32 -1.11 27.39 0.00
N GLY C 33 -0.77 27.36 -1.28
CA GLY C 33 -1.23 28.40 -2.20
C GLY C 33 -2.70 28.32 -2.55
N ALA C 34 -3.26 29.47 -2.91
CA ALA C 34 -4.66 29.52 -3.32
C ALA C 34 -4.92 28.66 -4.56
N ASP C 35 -3.92 28.46 -5.41
CA ASP C 35 -4.00 27.66 -6.62
C ASP C 35 -3.94 26.15 -6.40
N GLY C 36 -3.83 25.67 -5.16
CA GLY C 36 -3.64 24.25 -4.88
C GLY C 36 -2.20 23.83 -4.67
N ALA C 37 -1.25 24.76 -4.70
CA ALA C 37 0.15 24.40 -4.47
C ALA C 37 0.46 24.11 -3.00
N LEU C 38 1.35 23.15 -2.78
CA LEU C 38 2.00 22.92 -1.49
C LEU C 38 3.50 23.05 -1.67
N THR C 39 4.12 23.87 -0.83
CA THR C 39 5.55 24.13 -0.93
C THR C 39 6.09 24.29 0.48
N GLY C 40 7.28 23.72 0.73
CA GLY C 40 7.86 23.89 2.05
C GLY C 40 9.08 23.04 2.33
N THR C 41 9.22 22.68 3.61
CA THR C 41 10.43 22.02 4.10
C THR C 41 10.07 20.92 5.08
N TYR C 42 10.68 19.75 4.90
CA TYR C 42 10.51 18.61 5.79
C TYR C 42 11.76 18.47 6.64
N VAL C 43 11.59 18.34 7.95
CA VAL C 43 12.71 18.25 8.88
C VAL C 43 12.58 16.94 9.66
N THR C 44 13.58 16.09 9.55
CA THR C 44 13.57 14.83 10.30
C THR C 44 13.94 15.13 11.75
N ALA C 45 13.84 14.08 12.59
CA ALA C 45 13.82 14.31 14.03
C ALA C 45 15.10 14.97 14.53
N ARG C 46 16.22 14.72 13.85
CA ARG C 46 17.50 15.29 14.27
C ARG C 46 17.39 16.80 14.42
N GLY C 47 16.75 17.47 13.47
CA GLY C 47 16.44 18.87 13.61
C GLY C 47 17.57 19.84 13.30
N ASN C 48 18.69 19.37 12.76
CA ASN C 48 19.75 20.28 12.34
C ASN C 48 19.69 20.49 10.82
N ALA C 49 20.68 21.20 10.27
CA ALA C 49 20.60 21.61 8.87
C ALA C 49 20.67 20.41 7.93
N GLU C 50 21.43 19.37 8.30
CA GLU C 50 21.47 18.19 7.45
C GLU C 50 20.15 17.44 7.45
N SER C 51 19.18 17.88 8.26
CA SER C 51 17.90 17.19 8.38
C SER C 51 16.79 17.85 7.60
N ARG C 52 17.10 18.90 6.82
CA ARG C 52 16.08 19.67 6.12
C ARG C 52 16.07 19.36 4.64
N TYR C 53 14.86 19.14 4.12
CA TYR C 53 14.60 18.75 2.74
C TYR C 53 13.43 19.52 2.15
N VAL C 54 13.55 19.79 0.84
CA VAL C 54 12.50 20.43 0.07
C VAL C 54 11.31 19.49 -0.03
N LEU C 55 10.12 20.03 0.12
CA LEU C 55 8.89 19.31 -0.19
C LEU C 55 8.01 20.09 -1.15
N THR C 56 7.32 19.37 -2.01
CA THR C 56 6.34 19.97 -2.90
C THR C 56 5.17 19.03 -3.09
N GLY C 57 4.00 19.61 -3.28
CA GLY C 57 2.81 18.83 -3.51
C GLY C 57 1.66 19.65 -4.00
N ARG C 58 0.46 19.07 -3.86
CA ARG C 58 -0.77 19.67 -4.34
C ARG C 58 -1.88 19.31 -3.38
N TYR C 59 -2.91 20.15 -3.38
CA TYR C 59 -4.10 19.87 -2.60
C TYR C 59 -5.33 20.44 -3.30
N ASP C 60 -6.49 19.96 -2.87
CA ASP C 60 -7.78 20.35 -3.44
C ASP C 60 -8.16 21.68 -2.84
N SER C 61 -8.02 22.77 -3.61
CA SER C 61 -8.25 24.11 -3.08
C SER C 61 -9.75 24.50 -3.03
N ALA C 62 -10.67 23.60 -3.35
CA ALA C 62 -12.11 23.82 -3.17
C ALA C 62 -12.79 22.53 -2.71
N PRO C 63 -12.57 22.13 -1.46
CA PRO C 63 -13.14 20.87 -0.97
C PRO C 63 -14.66 20.94 -0.95
N ALA C 64 -15.30 19.78 -0.73
CA ALA C 64 -16.68 19.58 -1.14
C ALA C 64 -17.71 20.08 -0.12
N THR C 65 -17.37 20.06 1.16
CA THR C 65 -18.28 20.55 2.19
C THR C 65 -17.46 20.96 3.41
N ALA C 66 -18.15 21.46 4.43
CA ALA C 66 -17.45 21.87 5.65
C ALA C 66 -17.03 20.67 6.49
N GLY C 67 -17.76 19.56 6.38
CA GLY C 67 -17.48 18.34 7.13
C GLY C 67 -16.65 17.29 6.42
N SER C 68 -16.29 17.50 5.16
CA SER C 68 -15.44 16.56 4.44
C SER C 68 -13.99 17.04 4.48
N GLY C 69 -13.07 16.08 4.44
CA GLY C 69 -11.66 16.40 4.44
C GLY C 69 -11.22 16.97 3.10
N THR C 70 -10.00 17.51 3.11
CA THR C 70 -9.39 18.09 1.94
C THR C 70 -8.26 17.18 1.47
N ALA C 71 -8.40 16.61 0.27
CA ALA C 71 -7.40 15.66 -0.21
C ALA C 71 -6.12 16.40 -0.56
N LEU C 72 -4.97 15.77 -0.30
CA LEU C 72 -3.69 16.37 -0.59
C LEU C 72 -2.64 15.30 -0.78
N GLY C 73 -1.53 15.71 -1.38
CA GLY C 73 -0.34 14.90 -1.41
C GLY C 73 0.92 15.74 -1.50
N TRP C 74 2.05 15.16 -1.05
CA TRP C 74 3.35 15.80 -1.30
C TRP C 74 4.45 14.75 -1.35
N THR C 75 5.57 15.17 -1.91
CA THR C 75 6.77 14.36 -2.07
C THR C 75 7.96 15.07 -1.45
N VAL C 76 8.83 14.27 -0.84
CA VAL C 76 10.17 14.65 -0.46
C VAL C 76 11.15 13.66 -1.10
N ALA C 77 12.16 14.16 -1.82
CA ALA C 77 13.31 13.35 -2.18
C ALA C 77 14.41 13.60 -1.14
N TRP C 78 15.00 12.53 -0.62
CA TRP C 78 15.85 12.60 0.56
C TRP C 78 17.29 12.92 0.19
N LYS C 79 17.42 14.01 -0.59
CA LYS C 79 18.71 14.58 -0.99
C LYS C 79 18.71 16.04 -0.57
N ASN C 80 19.77 16.49 0.11
CA ASN C 80 19.99 17.91 0.35
C ASN C 80 21.50 18.18 0.15
N ASN C 81 21.95 19.36 0.53
CA ASN C 81 23.37 19.67 0.34
C ASN C 81 24.32 18.77 1.13
N TYR C 82 23.82 18.06 2.14
CA TYR C 82 24.64 17.31 3.07
C TYR C 82 24.59 15.81 2.86
N ARG C 83 23.41 15.26 2.60
CA ARG C 83 23.25 13.82 2.54
C ARG C 83 22.41 13.42 1.35
N ASN C 84 22.51 12.14 0.95
CA ASN C 84 21.62 11.63 -0.08
C ASN C 84 21.29 10.18 0.25
N ALA C 85 20.02 9.90 0.55
CA ALA C 85 19.63 8.53 0.84
C ALA C 85 19.11 7.79 -0.40
N HIS C 86 19.18 8.40 -1.58
CA HIS C 86 18.77 7.78 -2.84
C HIS C 86 17.36 7.17 -2.72
N SER C 87 16.42 8.02 -2.30
CA SER C 87 15.06 7.58 -2.02
C SER C 87 14.15 8.81 -2.00
N ALA C 88 12.85 8.55 -2.10
CA ALA C 88 11.83 9.58 -2.08
C ALA C 88 10.58 9.03 -1.44
N THR C 89 9.93 9.85 -0.61
CA THR C 89 8.68 9.45 0.03
C THR C 89 7.55 10.31 -0.49
N THR C 90 6.39 9.70 -0.71
CA THR C 90 5.18 10.44 -0.99
C THR C 90 4.14 10.17 0.09
N TRP C 91 3.44 11.21 0.49
CA TRP C 91 2.37 11.16 1.47
C TRP C 91 1.07 11.52 0.76
N SER C 92 0.02 10.73 0.99
CA SER C 92 -1.28 10.95 0.38
C SER C 92 -2.30 10.89 1.50
N GLY C 93 -3.14 11.91 1.61
CA GLY C 93 -4.12 11.86 2.66
C GLY C 93 -5.07 13.03 2.64
N GLN C 94 -5.54 13.44 3.81
CA GLN C 94 -6.49 14.53 3.81
C GLN C 94 -6.26 15.38 5.04
N TYR C 95 -6.57 16.66 4.88
CA TYR C 95 -6.51 17.64 5.95
C TYR C 95 -7.89 17.77 6.57
N VAL C 96 -7.95 17.69 7.89
CA VAL C 96 -9.19 17.83 8.65
C VAL C 96 -9.09 19.13 9.44
N GLY C 97 -9.91 20.12 9.08
CA GLY C 97 -9.87 21.41 9.72
C GLY C 97 -10.57 21.49 11.07
N GLY C 98 -10.88 22.71 11.47
CA GLY C 98 -11.44 22.95 12.78
C GLY C 98 -10.38 23.34 13.78
N ALA C 99 -10.72 23.18 15.06
CA ALA C 99 -9.89 23.68 16.15
C ALA C 99 -9.00 22.60 16.76
N GLU C 100 -8.94 21.43 16.17
CA GLU C 100 -7.90 20.43 16.46
C GLU C 100 -7.56 19.81 15.10
N ALA C 101 -6.90 20.61 14.26
CA ALA C 101 -6.71 20.22 12.87
C ALA C 101 -5.71 19.07 12.74
N ARG C 102 -5.88 18.28 11.70
CA ARG C 102 -5.02 17.12 11.47
C ARG C 102 -4.75 16.93 9.99
N ILE C 103 -3.64 16.25 9.71
CA ILE C 103 -3.39 15.70 8.39
C ILE C 103 -3.12 14.22 8.58
N ASN C 104 -4.02 13.39 8.09
CA ASN C 104 -3.90 11.94 8.18
C ASN C 104 -3.44 11.41 6.84
N THR C 105 -2.37 10.59 6.85
CA THR C 105 -1.75 10.16 5.62
C THR C 105 -1.35 8.69 5.66
N GLN C 106 -1.20 8.15 4.45
CA GLN C 106 -0.45 6.94 4.15
C GLN C 106 0.71 7.33 3.24
N TRP C 107 1.86 6.67 3.41
CA TRP C 107 3.04 7.07 2.65
C TRP C 107 3.65 5.87 1.96
N LEU C 108 4.36 6.15 0.86
CA LEU C 108 5.19 5.17 0.16
C LEU C 108 6.60 5.74 0.08
N LEU C 109 7.59 4.94 0.47
CA LEU C 109 8.99 5.33 0.45
C LEU C 109 9.68 4.41 -0.55
N THR C 110 10.08 4.96 -1.68
CA THR C 110 10.77 4.17 -2.68
C THR C 110 12.25 4.52 -2.69
N SER C 111 13.06 3.48 -2.76
CA SER C 111 14.51 3.59 -2.84
C SER C 111 14.97 3.19 -4.23
N GLY C 112 16.05 3.80 -4.71
CA GLY C 112 16.60 3.38 -5.98
C GLY C 112 17.25 1.99 -5.84
N THR C 113 16.96 1.10 -6.78
CA THR C 113 17.54 -0.24 -6.72
C THR C 113 17.89 -0.71 -8.12
N THR C 114 18.60 -1.83 -8.20
CA THR C 114 18.60 -2.60 -9.44
C THR C 114 17.23 -3.25 -9.67
N GLU C 115 16.97 -3.64 -10.92
CA GLU C 115 15.71 -4.35 -11.18
C GLU C 115 15.66 -5.64 -10.40
N ALA C 116 16.82 -6.28 -10.18
CA ALA C 116 16.85 -7.52 -9.40
C ALA C 116 16.28 -7.32 -8.01
N ASN C 117 16.51 -6.15 -7.42
CA ASN C 117 16.06 -5.89 -6.05
C ASN C 117 14.86 -4.95 -6.01
N ALA C 118 14.21 -4.73 -7.15
CA ALA C 118 13.06 -3.83 -7.18
C ALA C 118 11.96 -4.28 -6.24
N TRP C 119 11.88 -5.58 -5.94
CA TRP C 119 10.87 -6.09 -5.02
C TRP C 119 10.98 -5.42 -3.64
N ARG C 120 12.19 -5.04 -3.24
CA ARG C 120 12.40 -4.42 -1.93
C ARG C 120 12.51 -2.92 -2.04
N SER C 121 12.02 -2.35 -3.12
CA SER C 121 12.21 -0.91 -3.31
C SER C 121 11.18 -0.06 -2.58
N THR C 122 9.97 -0.56 -2.27
CA THR C 122 8.92 0.34 -1.79
C THR C 122 8.33 -0.12 -0.47
N LEU C 123 8.53 0.70 0.56
CA LEU C 123 7.95 0.53 1.89
C LEU C 123 6.68 1.37 2.01
N VAL C 124 5.76 0.90 2.83
CA VAL C 124 4.47 1.54 3.02
C VAL C 124 4.25 1.78 4.52
N GLY C 125 3.60 2.89 4.84
CA GLY C 125 3.21 3.17 6.21
C GLY C 125 2.23 4.33 6.30
N HIS C 126 2.15 4.93 7.48
CA HIS C 126 1.15 5.95 7.76
C HIS C 126 1.73 6.95 8.77
N ASP C 127 1.22 8.18 8.69
CA ASP C 127 1.68 9.30 9.52
C ASP C 127 0.47 10.14 9.83
N THR C 128 0.35 10.59 11.08
CA THR C 128 -0.63 11.59 11.47
C THR C 128 0.11 12.83 11.93
N PHE C 129 -0.31 13.99 11.42
CA PHE C 129 0.31 15.27 11.72
C PHE C 129 -0.66 16.17 12.47
N THR C 130 -0.15 16.90 13.47
CA THR C 130 -0.92 17.94 14.14
C THR C 130 -0.12 19.24 14.15
N LYS C 131 -0.81 20.35 14.44
CA LYS C 131 -0.11 21.61 14.61
C LYS C 131 0.40 21.83 16.03
N VAL C 132 0.26 20.83 16.90
CA VAL C 132 0.73 20.94 18.27
C VAL C 132 2.14 20.39 18.39
N GLN C 133 3.07 21.22 18.85
CA GLN C 133 4.45 20.80 19.07
C GLN C 133 4.57 19.84 20.26
N ASP D 12 4.54 -15.03 22.10
CA ASP D 12 4.55 -16.27 21.34
C ASP D 12 3.14 -16.67 20.93
N GLN D 13 2.79 -17.94 21.11
CA GLN D 13 1.48 -18.46 20.72
C GLN D 13 0.43 -18.27 21.81
N ALA D 14 0.81 -18.45 23.08
CA ALA D 14 -0.08 -18.05 24.17
C ALA D 14 -0.34 -16.55 24.12
N GLY D 15 0.63 -15.79 23.60
CA GLY D 15 0.47 -14.36 23.48
C GLY D 15 -0.50 -13.94 22.40
N ILE D 16 -0.44 -14.58 21.23
CA ILE D 16 -1.35 -14.20 20.15
C ILE D 16 -2.76 -14.75 20.39
N THR D 17 -2.86 -16.02 20.75
CA THR D 17 -4.16 -16.61 21.02
C THR D 17 -4.95 -15.74 22.00
N GLY D 18 -6.19 -15.41 21.64
CA GLY D 18 -7.08 -14.67 22.50
C GLY D 18 -8.05 -13.82 21.71
N THR D 19 -8.58 -12.80 22.38
CA THR D 19 -9.55 -11.89 21.80
C THR D 19 -8.92 -10.50 21.73
N TRP D 20 -8.96 -9.89 20.55
CA TRP D 20 -8.39 -8.56 20.34
C TRP D 20 -9.47 -7.62 19.78
N TYR D 21 -9.25 -6.31 19.97
CA TYR D 21 -10.12 -5.28 19.43
C TYR D 21 -9.30 -4.20 18.77
N ASN D 22 -9.83 -3.62 17.70
CA ASN D 22 -9.13 -2.55 17.01
C ASN D 22 -9.75 -1.21 17.40
N GLN D 23 -9.31 -0.16 16.70
CA GLN D 23 -9.66 1.21 17.07
C GLN D 23 -11.05 1.61 16.61
N LEU D 24 -11.69 0.80 15.77
CA LEU D 24 -13.02 1.10 15.26
C LEU D 24 -14.08 0.17 15.83
N GLY D 25 -13.73 -0.71 16.77
CA GLY D 25 -14.70 -1.49 17.49
C GLY D 25 -14.83 -2.93 17.03
N SER D 26 -14.01 -3.36 16.08
CA SER D 26 -14.11 -4.74 15.64
C SER D 26 -13.39 -5.66 16.63
N THR D 27 -13.73 -6.94 16.57
CA THR D 27 -13.20 -7.96 17.45
C THR D 27 -12.54 -9.05 16.60
N PHE D 28 -11.36 -9.47 17.03
CA PHE D 28 -10.50 -10.44 16.33
C PHE D 28 -10.29 -11.56 17.34
N ILE D 29 -10.90 -12.71 17.09
CA ILE D 29 -10.90 -13.84 18.01
C ILE D 29 -10.08 -14.95 17.35
N VAL D 30 -8.91 -15.26 17.91
CA VAL D 30 -7.94 -16.08 17.19
C VAL D 30 -7.30 -17.15 18.07
N THR D 31 -6.94 -18.25 17.42
CA THR D 31 -6.11 -19.30 17.99
C THR D 31 -4.86 -19.39 17.13
N ALA D 32 -3.70 -19.29 17.77
CA ALA D 32 -2.41 -19.47 17.10
C ALA D 32 -1.90 -20.89 17.39
N GLY D 33 -1.71 -21.69 16.34
CA GLY D 33 -1.19 -23.03 16.52
C GLY D 33 0.34 -23.09 16.55
N ALA D 34 0.86 -24.18 17.13
CA ALA D 34 2.29 -24.34 17.20
C ALA D 34 2.91 -24.51 15.83
N ASP D 35 2.12 -24.87 14.81
CA ASP D 35 2.60 -25.04 13.45
C ASP D 35 2.57 -23.76 12.61
N GLY D 36 2.28 -22.61 13.21
CA GLY D 36 2.14 -21.37 12.46
C GLY D 36 0.75 -21.02 11.97
N ALA D 37 -0.27 -21.81 12.29
CA ALA D 37 -1.62 -21.53 11.81
C ALA D 37 -2.32 -20.47 12.65
N LEU D 38 -3.08 -19.59 11.99
CA LEU D 38 -4.02 -18.68 12.63
C LEU D 38 -5.42 -19.03 12.16
N THR D 39 -6.35 -19.17 13.10
CA THR D 39 -7.71 -19.59 12.81
C THR D 39 -8.62 -18.87 13.79
N GLY D 40 -9.81 -18.48 13.34
CA GLY D 40 -10.71 -17.82 14.26
C GLY D 40 -11.84 -17.14 13.59
N THR D 41 -12.33 -16.07 14.23
CA THR D 41 -13.53 -15.35 13.85
C THR D 41 -13.30 -13.86 13.95
N TYR D 42 -13.72 -13.14 12.93
CA TYR D 42 -13.65 -11.69 12.91
C TYR D 42 -15.06 -11.15 13.09
N VAL D 43 -15.23 -10.19 13.99
CA VAL D 43 -16.54 -9.62 14.31
C VAL D 43 -16.51 -8.11 14.05
N THR D 44 -17.35 -7.64 13.14
CA THR D 44 -17.44 -6.20 12.90
C THR D 44 -18.08 -5.50 14.11
N ALA D 45 -18.17 -4.17 14.02
CA ALA D 45 -18.48 -3.37 15.20
C ALA D 45 -19.91 -3.54 15.69
N ARG D 46 -20.84 -3.95 14.82
CA ARG D 46 -22.22 -4.15 15.25
C ARG D 46 -22.34 -5.29 16.26
N GLY D 47 -21.51 -6.33 16.13
CA GLY D 47 -21.39 -7.35 17.15
C GLY D 47 -22.48 -8.39 17.22
N ASN D 48 -23.39 -8.46 16.25
CA ASN D 48 -24.43 -9.47 16.22
C ASN D 48 -24.00 -10.65 15.34
N ALA D 49 -24.91 -11.59 15.10
CA ALA D 49 -24.55 -12.82 14.37
C ALA D 49 -24.18 -12.52 12.92
N GLU D 50 -24.86 -11.55 12.31
CA GLU D 50 -24.55 -11.27 10.91
C GLU D 50 -23.23 -10.54 10.76
N SER D 51 -22.56 -10.28 11.87
CA SER D 51 -21.30 -9.55 11.90
C SER D 51 -20.08 -10.45 12.06
N ARG D 52 -20.28 -11.78 12.09
CA ARG D 52 -19.19 -12.70 12.33
C ARG D 52 -18.73 -13.36 11.04
N TYR D 53 -17.41 -13.39 10.83
CA TYR D 53 -16.83 -13.97 9.62
C TYR D 53 -15.64 -14.86 9.96
N VAL D 54 -15.40 -15.88 9.12
CA VAL D 54 -14.26 -16.78 9.34
C VAL D 54 -12.98 -16.06 8.97
N LEU D 55 -11.91 -16.31 9.71
CA LEU D 55 -10.58 -15.84 9.32
C LEU D 55 -9.55 -16.96 9.41
N THR D 56 -8.57 -16.87 8.51
CA THR D 56 -7.46 -17.81 8.49
C THR D 56 -6.21 -17.07 8.11
N GLY D 57 -5.09 -17.56 8.61
CA GLY D 57 -3.83 -16.94 8.26
C GLY D 57 -2.66 -17.70 8.83
N ARG D 58 -1.51 -17.03 8.88
CA ARG D 58 -0.28 -17.66 9.29
C ARG D 58 0.57 -16.71 10.09
N TYR D 59 1.47 -17.27 10.92
CA TYR D 59 2.40 -16.42 11.66
C TYR D 59 3.72 -17.15 11.85
N ASP D 60 4.77 -16.38 12.17
CA ASP D 60 6.11 -16.92 12.38
C ASP D 60 6.17 -17.53 13.78
N SER D 61 6.18 -18.86 13.86
CA SER D 61 6.08 -19.54 15.15
C SER D 61 7.42 -19.70 15.87
N ALA D 62 8.53 -19.22 15.30
CA ALA D 62 9.82 -19.12 16.00
C ALA D 62 10.50 -17.79 15.69
N PRO D 63 10.11 -16.72 16.40
CA PRO D 63 10.69 -15.39 16.13
C PRO D 63 12.15 -15.31 16.58
N ALA D 64 12.90 -14.39 15.94
CA ALA D 64 14.35 -14.50 15.90
C ALA D 64 15.02 -14.09 17.20
N THR D 65 14.56 -13.00 17.81
CA THR D 65 15.09 -12.55 19.09
C THR D 65 13.91 -12.37 20.03
N ALA D 66 14.16 -11.84 21.23
CA ALA D 66 13.08 -11.61 22.18
C ALA D 66 12.49 -10.21 22.04
N GLY D 67 13.30 -9.22 21.67
CA GLY D 67 12.83 -7.88 21.39
C GLY D 67 12.22 -7.69 20.02
N SER D 68 12.14 -8.75 19.23
CA SER D 68 11.63 -8.68 17.87
C SER D 68 10.14 -8.96 17.87
N GLY D 69 9.41 -8.23 17.03
CA GLY D 69 8.00 -8.52 16.83
C GLY D 69 7.82 -9.81 16.05
N THR D 70 6.61 -10.35 16.08
CA THR D 70 6.29 -11.59 15.41
C THR D 70 5.45 -11.32 14.16
N ALA D 71 6.01 -11.63 13.00
CA ALA D 71 5.31 -11.38 11.74
C ALA D 71 4.10 -12.30 11.59
N LEU D 72 3.00 -11.74 11.10
CA LEU D 72 1.77 -12.48 10.90
C LEU D 72 0.96 -11.90 9.76
N GLY D 73 -0.03 -12.68 9.33
CA GLY D 73 -0.98 -12.27 8.31
C GLY D 73 -2.28 -13.09 8.42
N TRP D 74 -3.37 -12.45 8.07
CA TRP D 74 -4.61 -13.22 7.93
C TRP D 74 -5.57 -12.55 6.94
N THR D 75 -6.56 -13.33 6.52
CA THR D 75 -7.55 -12.96 5.54
C THR D 75 -8.94 -13.24 6.09
N VAL D 76 -9.87 -12.36 5.73
CA VAL D 76 -11.31 -12.51 5.91
C VAL D 76 -11.94 -12.25 4.53
N ALA D 77 -12.74 -13.19 4.04
CA ALA D 77 -13.63 -12.95 2.91
C ALA D 77 -14.98 -12.59 3.51
N TRP D 78 -15.58 -11.49 3.05
CA TRP D 78 -16.73 -10.87 3.74
C TRP D 78 -18.05 -11.49 3.28
N LYS D 79 -18.09 -12.82 3.38
CA LYS D 79 -19.30 -13.62 3.15
C LYS D 79 -19.54 -14.48 4.38
N ASN D 80 -20.77 -14.48 4.90
CA ASN D 80 -21.17 -15.44 5.94
C ASN D 80 -22.60 -15.90 5.63
N ASN D 81 -23.30 -16.50 6.61
CA ASN D 81 -24.64 -17.00 6.31
C ASN D 81 -25.64 -15.91 6.02
N TYR D 82 -25.33 -14.67 6.42
CA TYR D 82 -26.29 -13.57 6.36
C TYR D 82 -26.02 -12.60 5.23
N ARG D 83 -24.76 -12.37 4.87
CA ARG D 83 -24.40 -11.25 4.02
C ARG D 83 -23.22 -11.64 3.15
N ASN D 84 -23.03 -10.92 2.03
CA ASN D 84 -21.84 -11.11 1.20
C ASN D 84 -21.47 -9.78 0.57
N ALA D 85 -20.34 -9.21 0.94
CA ALA D 85 -19.86 -7.95 0.38
C ALA D 85 -18.98 -8.13 -0.87
N HIS D 86 -18.86 -9.35 -1.38
CA HIS D 86 -18.04 -9.68 -2.55
C HIS D 86 -16.67 -9.00 -2.48
N SER D 87 -16.00 -9.23 -1.36
CA SER D 87 -14.72 -8.58 -1.05
C SER D 87 -13.97 -9.41 -0.03
N ALA D 88 -12.66 -9.14 0.08
CA ALA D 88 -11.81 -9.84 1.03
C ALA D 88 -10.74 -8.88 1.50
N THR D 89 -10.46 -8.90 2.81
CA THR D 89 -9.42 -8.10 3.42
C THR D 89 -8.27 -9.00 3.88
N THR D 90 -7.05 -8.58 3.56
CA THR D 90 -5.87 -9.16 4.17
C THR D 90 -5.21 -8.15 5.11
N TRP D 91 -4.78 -8.64 6.27
CA TRP D 91 -4.05 -7.86 7.26
C TRP D 91 -2.64 -8.40 7.36
N SER D 92 -1.64 -7.53 7.30
CA SER D 92 -0.24 -7.96 7.42
C SER D 92 0.42 -7.15 8.52
N GLY D 93 1.15 -7.78 9.42
CA GLY D 93 1.68 -7.02 10.53
C GLY D 93 2.53 -7.82 11.49
N GLN D 94 2.60 -7.33 12.73
CA GLN D 94 3.46 -7.90 13.73
C GLN D 94 2.74 -7.91 15.07
N TYR D 95 2.93 -8.98 15.82
CA TYR D 95 2.51 -9.03 17.22
C TYR D 95 3.69 -8.57 18.08
N VAL D 96 3.41 -7.68 19.03
CA VAL D 96 4.38 -7.28 20.05
C VAL D 96 3.79 -7.61 21.41
N GLY D 97 4.48 -8.43 22.18
CA GLY D 97 3.99 -8.85 23.47
C GLY D 97 4.32 -7.82 24.53
N GLY D 98 4.19 -8.26 25.79
CA GLY D 98 4.56 -7.46 26.94
C GLY D 98 3.35 -7.10 27.78
N ALA D 99 3.46 -5.99 28.50
CA ALA D 99 2.32 -5.50 29.27
C ALA D 99 1.21 -5.03 28.33
N GLU D 100 1.51 -4.03 27.51
CA GLU D 100 0.57 -3.55 26.49
C GLU D 100 0.88 -4.25 25.17
N ALA D 101 0.51 -5.52 25.13
CA ALA D 101 0.65 -6.29 23.89
C ALA D 101 -0.25 -5.70 22.82
N ARG D 102 0.24 -5.76 21.58
CA ARG D 102 -0.49 -5.17 20.47
C ARG D 102 -0.18 -5.93 19.19
N ILE D 103 -1.09 -5.78 18.23
CA ILE D 103 -0.92 -6.28 16.87
C ILE D 103 -1.09 -5.06 15.96
N ASN D 104 -0.01 -4.65 15.32
CA ASN D 104 0.01 -3.52 14.41
C ASN D 104 -0.01 -4.05 12.97
N THR D 105 -0.97 -3.57 12.20
CA THR D 105 -1.19 -4.07 10.86
C THR D 105 -1.38 -2.96 9.85
N GLN D 106 -1.05 -3.30 8.61
CA GLN D 106 -1.58 -2.64 7.42
C GLN D 106 -2.47 -3.63 6.69
N TRP D 107 -3.51 -3.11 6.04
CA TRP D 107 -4.48 -4.01 5.40
C TRP D 107 -4.80 -3.56 3.98
N LEU D 108 -5.18 -4.52 3.16
CA LEU D 108 -5.68 -4.32 1.81
C LEU D 108 -7.05 -4.97 1.71
N LEU D 109 -8.04 -4.22 1.25
CA LEU D 109 -9.40 -4.67 1.04
C LEU D 109 -9.66 -4.66 -0.46
N THR D 110 -9.85 -5.84 -1.06
CA THR D 110 -10.11 -5.94 -2.48
C THR D 110 -11.55 -6.37 -2.71
N SER D 111 -12.20 -5.69 -3.65
CA SER D 111 -13.57 -5.99 -4.06
C SER D 111 -13.54 -6.64 -5.42
N GLY D 112 -14.47 -7.57 -5.65
CA GLY D 112 -14.66 -8.07 -7.00
C GLY D 112 -15.12 -6.95 -7.92
N THR D 113 -14.45 -6.77 -9.06
CA THR D 113 -14.86 -5.73 -9.98
C THR D 113 -14.82 -6.26 -11.42
N THR D 114 -15.43 -5.52 -12.34
CA THR D 114 -15.16 -5.75 -13.74
C THR D 114 -13.73 -5.31 -14.06
N GLU D 115 -13.22 -5.76 -15.20
CA GLU D 115 -11.89 -5.33 -15.58
C GLU D 115 -11.84 -3.82 -15.72
N ALA D 116 -12.95 -3.20 -16.14
CA ALA D 116 -13.00 -1.76 -16.32
C ALA D 116 -12.82 -1.00 -15.01
N ASN D 117 -13.29 -1.58 -13.90
CA ASN D 117 -13.27 -0.91 -12.61
C ASN D 117 -12.16 -1.41 -11.69
N ALA D 118 -11.22 -2.21 -12.20
CA ALA D 118 -10.19 -2.76 -11.32
C ALA D 118 -9.37 -1.68 -10.62
N TRP D 119 -9.21 -0.49 -11.23
CA TRP D 119 -8.55 0.63 -10.55
C TRP D 119 -9.20 0.96 -9.20
N ARG D 120 -10.49 0.69 -9.05
CA ARG D 120 -11.13 0.99 -7.77
C ARG D 120 -11.30 -0.25 -6.91
N SER D 121 -10.56 -1.33 -7.19
CA SER D 121 -10.80 -2.58 -6.49
C SER D 121 -10.16 -2.67 -5.11
N THR D 122 -9.06 -1.95 -4.83
CA THR D 122 -8.26 -2.22 -3.63
C THR D 122 -8.05 -0.96 -2.79
N LEU D 123 -8.60 -0.98 -1.58
CA LEU D 123 -8.40 0.00 -0.55
C LEU D 123 -7.25 -0.40 0.35
N VAL D 124 -6.54 0.58 0.89
CA VAL D 124 -5.42 0.34 1.80
C VAL D 124 -5.67 1.09 3.11
N GLY D 125 -5.26 0.49 4.23
CA GLY D 125 -5.37 1.17 5.50
C GLY D 125 -4.48 0.52 6.54
N HIS D 126 -4.72 0.88 7.80
CA HIS D 126 -3.96 0.31 8.91
C HIS D 126 -4.87 0.14 10.12
N ASP D 127 -4.58 -0.88 10.94
CA ASP D 127 -5.34 -1.18 12.15
C ASP D 127 -4.37 -1.55 13.27
N THR D 128 -4.63 -1.06 14.48
CA THR D 128 -3.94 -1.51 15.68
C THR D 128 -4.92 -2.22 16.60
N PHE D 129 -4.58 -3.44 17.01
CA PHE D 129 -5.40 -4.25 17.89
C PHE D 129 -4.77 -4.37 19.28
N THR D 130 -5.60 -4.23 20.32
CA THR D 130 -5.16 -4.49 21.69
C THR D 130 -5.99 -5.63 22.30
N LYS D 131 -5.37 -6.35 23.22
CA LYS D 131 -5.94 -7.58 23.74
C LYS D 131 -6.88 -7.30 24.91
N VAL D 132 -7.74 -8.28 25.17
CA VAL D 132 -8.72 -8.23 26.24
C VAL D 132 -8.11 -8.82 27.50
N GLN D 133 -8.41 -8.22 28.65
CA GLN D 133 -7.89 -8.69 29.93
C GLN D 133 -8.80 -9.74 30.54
N OIC E 1 14.18 -4.64 5.67
CA OIC E 1 14.13 -5.98 5.07
C OIC E 1 15.54 -6.52 4.83
O OIC E 1 16.50 -5.76 4.62
CB OIC E 1 13.34 -5.92 3.79
CG OIC E 1 13.44 -4.43 3.39
CD OIC E 1 13.57 -3.66 4.74
C4 OIC E 1 14.58 -4.07 2.43
C5 OIC E 1 14.51 -2.60 2.04
C6 OIC E 1 14.22 -1.68 3.24
C7 OIC E 1 14.41 -2.39 4.59
H1 OIC E 1 13.74 -4.59 6.40
HA OIC E 1 13.67 -6.59 5.67
HB2 OIC E 1 12.43 -6.18 3.92
HB3 OIC E 1 13.72 -6.49 3.11
HG OIC E 1 12.61 -4.18 2.96
HD OIC E 1 12.70 -3.41 5.09
H41 OIC E 1 14.53 -4.63 1.64
H42 OIC E 1 15.43 -4.26 2.85
H51 OIC E 1 13.82 -2.48 1.37
H52 OIC E 1 15.34 -2.33 1.61
H61 OIC E 1 13.31 -1.34 3.20
H62 OIC E 1 14.79 -0.91 3.22
H71 OIC E 1 15.35 -2.60 4.71
H72 OIC E 1 14.18 -1.77 5.31
N PRO E 2 15.67 -7.83 4.55
CA PRO E 2 16.99 -8.41 4.27
C PRO E 2 17.47 -8.10 2.85
N TRP E 3 18.64 -8.61 2.48
CA TRP E 3 19.08 -8.45 1.10
C TRP E 3 18.43 -9.48 0.19
N SER E 4 18.26 -10.69 0.69
CA SER E 4 17.64 -11.78 -0.05
C SER E 4 16.43 -12.28 0.72
N HIS E 5 15.38 -12.62 -0.02
CA HIS E 5 14.15 -13.09 0.60
C HIS E 5 13.56 -14.23 -0.22
N PRO E 6 13.04 -15.28 0.41
CA PRO E 6 12.61 -16.43 -0.39
C PRO E 6 11.49 -16.12 -1.38
N GLN E 7 10.67 -15.10 -1.12
CA GLN E 7 9.60 -14.77 -2.05
C GLN E 7 10.13 -14.41 -3.45
N PHE E 8 11.37 -13.92 -3.55
CA PHE E 8 11.87 -13.42 -4.83
C PHE E 8 13.19 -14.07 -5.27
N GLU E 9 13.56 -15.19 -4.68
CA GLU E 9 14.80 -15.85 -5.08
C GLU E 9 14.61 -16.44 -6.47
N TRP F 3 -17.79 6.45 -8.74
CA TRP F 3 -17.89 5.34 -9.68
C TRP F 3 -16.89 5.51 -10.82
N SER F 4 -16.63 6.75 -11.18
CA SER F 4 -15.65 7.09 -12.18
C SER F 4 -14.67 8.10 -11.58
N HIS F 5 -13.56 8.30 -12.26
CA HIS F 5 -12.52 9.20 -11.76
C HIS F 5 -11.64 9.59 -12.92
N PRO F 6 -11.19 10.85 -13.03
CA PRO F 6 -10.42 11.24 -14.23
C PRO F 6 -9.13 10.44 -14.45
N GLN F 7 -8.49 9.95 -13.39
CA GLN F 7 -7.22 9.24 -13.56
C GLN F 7 -7.35 8.04 -14.50
N PHE F 8 -8.54 7.45 -14.59
CA PHE F 8 -8.79 6.21 -15.33
C PHE F 8 -9.84 6.37 -16.45
N GLU F 9 -10.16 7.60 -16.84
CA GLU F 9 -11.09 7.84 -17.94
C GLU F 9 -10.48 7.44 -19.28
N HIS G 5 17.43 5.49 8.31
CA HIS G 5 16.99 6.35 7.22
C HIS G 5 16.47 7.66 7.79
N PRO G 6 16.75 8.77 7.12
CA PRO G 6 16.41 10.08 7.74
C PRO G 6 14.91 10.29 8.03
N GLN G 7 14.01 9.81 7.18
CA GLN G 7 12.58 9.99 7.44
C GLN G 7 12.24 9.68 8.91
N PHE G 8 12.97 8.76 9.53
CA PHE G 8 12.75 8.40 10.93
C PHE G 8 14.08 8.36 11.69
N HIS H 5 -19.57 -0.77 4.28
CA HIS H 5 -18.90 -2.07 4.22
C HIS H 5 -18.77 -2.65 5.62
N PRO H 6 -19.02 -3.96 5.77
CA PRO H 6 -19.04 -4.55 7.12
C PRO H 6 -17.79 -4.26 7.96
N GLN H 7 -16.60 -4.28 7.36
CA GLN H 7 -15.39 -4.01 8.14
C GLN H 7 -15.51 -2.73 8.97
N PHE H 8 -16.16 -1.71 8.43
CA PHE H 8 -16.21 -0.34 9.00
C PHE H 8 -14.85 0.36 8.90
C1 GOL I . -25.24 -14.62 1.77
O1 GOL I . -25.48 -13.94 0.56
C2 GOL I . -24.79 -16.04 1.43
O2 GOL I . -23.84 -16.46 2.39
C3 GOL I . -25.99 -16.95 1.14
O3 GOL I . -26.00 -18.19 1.84
H11 GOL I . -26.04 -14.67 2.32
H12 GOL I . -24.55 -14.19 2.30
HO1 GOL I . -24.74 -13.90 0.13
H2 GOL I . -24.33 -16.06 0.57
HO2 GOL I . -23.17 -15.94 2.34
H31 GOL I . -26.01 -17.10 0.18
H32 GOL I . -26.79 -16.44 1.36
HO3 GOL I . -25.33 -18.64 1.58
#